data_2VZL
#
_entry.id   2VZL
#
_cell.length_a   86.888
_cell.length_b   86.888
_cell.length_c   96.372
_cell.angle_alpha   90.00
_cell.angle_beta   90.00
_cell.angle_gamma   120.00
#
_symmetry.space_group_name_H-M   'P 65'
#
loop_
_entity.id
_entity.type
_entity.pdbx_description
1 polymer 'FERREDOXIN-NADP REDUCTASE'
2 non-polymer 'FLAVIN-ADENINE DINUCLEOTIDE'
3 non-polymer NICOTINAMIDE-ADENINE-DINUCLEOTIDE
4 non-polymer GLYCEROL
5 water water
#
_entity_poly.entity_id   1
_entity_poly.type   'polypeptide(L)'
_entity_poly.pdbx_seq_one_letter_code
;MTQAKAKHADVPVNLYRPNAPFIGKVISNEPLVKEGGIGIVQHIKFDLTGGNLKYIEGQSIGIIPPGVDKNGKPEKLRLY
SIASTRHGDDVDDKTISLCVRQLEYKHPESGETVYGVCSTYLTHIEPGSEVKITGPVGKEMLLPDDPEANVIMLAGGTGI
TPMRTYLWRMFKDAERAANPEYQFKGFSWLVFGVPTTPNILYKEELEEIQQKYPDNFRLTYAISREQKNPQGGRMYIQDR
VAEHADELWQLIKNQKTHTYICGPRGMEEGIDAALSAAAAKEGVTWSDYQKDLKKAGRWHVETS
;
_entity_poly.pdbx_strand_id   A
#
# COMPACT_ATOMS: atom_id res chain seq x y z
N ASP A 10 -1.72 22.65 -4.48
CA ASP A 10 -2.26 21.61 -5.40
C ASP A 10 -2.47 20.28 -4.66
N VAL A 11 -1.39 19.65 -4.22
CA VAL A 11 -1.49 18.41 -3.47
C VAL A 11 -1.92 18.76 -2.04
N PRO A 12 -3.04 18.21 -1.57
CA PRO A 12 -3.50 18.48 -0.20
C PRO A 12 -2.53 17.91 0.83
N VAL A 13 -2.27 18.67 1.90
CA VAL A 13 -1.36 18.24 2.95
C VAL A 13 -1.65 18.96 4.27
N ASN A 14 -1.75 18.17 5.35
CA ASN A 14 -1.95 18.69 6.69
C ASN A 14 -3.14 19.64 6.80
N LEU A 15 -4.28 19.21 6.27
CA LEU A 15 -5.54 19.91 6.47
C LEU A 15 -5.96 19.82 7.95
N TYR A 16 -5.56 18.72 8.59
CA TYR A 16 -5.72 18.55 10.04
C TYR A 16 -4.41 18.11 10.68
N ARG A 17 -4.16 18.60 11.89
CA ARG A 17 -2.93 18.34 12.62
C ARG A 17 -3.29 17.76 14.00
N PRO A 18 -2.35 17.07 14.65
CA PRO A 18 -2.65 16.41 15.92
C PRO A 18 -3.12 17.30 17.08
N ASN A 19 -2.82 18.60 17.04
CA ASN A 19 -3.32 19.51 18.07
C ASN A 19 -4.83 19.78 17.92
N ALA A 20 -5.36 19.56 16.72
CA ALA A 20 -6.78 19.77 16.44
C ALA A 20 -7.24 18.83 15.32
N PRO A 21 -7.30 17.53 15.61
CA PRO A 21 -7.59 16.53 14.58
C PRO A 21 -9.02 16.58 14.07
N PHE A 22 -9.28 16.00 12.91
CA PHE A 22 -10.65 15.81 12.45
C PHE A 22 -11.25 14.62 13.18
N ILE A 23 -12.47 14.79 13.70
CA ILE A 23 -13.20 13.71 14.34
C ILE A 23 -14.10 13.05 13.31
N GLY A 24 -13.63 11.96 12.73
CA GLY A 24 -14.42 11.19 11.79
C GLY A 24 -15.20 10.10 12.49
N LYS A 25 -16.17 9.53 11.80
CA LYS A 25 -16.97 8.43 12.34
C LYS A 25 -16.73 7.17 11.53
N VAL A 26 -16.54 6.03 12.21
CA VAL A 26 -16.40 4.76 11.52
C VAL A 26 -17.73 4.39 10.85
N ILE A 27 -17.68 4.07 9.56
CA ILE A 27 -18.83 3.57 8.82
C ILE A 27 -18.84 2.04 8.83
N SER A 28 -17.68 1.45 8.56
CA SER A 28 -17.53 0.00 8.46
C SER A 28 -16.12 -0.47 8.82
N ASN A 29 -16.05 -1.73 9.23
CA ASN A 29 -14.80 -2.39 9.62
C ASN A 29 -14.97 -3.85 9.22
N GLU A 30 -14.32 -4.25 8.13
CA GLU A 30 -14.52 -5.57 7.53
C GLU A 30 -13.20 -6.35 7.41
N PRO A 31 -13.25 -7.66 7.64
CA PRO A 31 -12.04 -8.49 7.58
C PRO A 31 -11.54 -8.72 6.15
N LEU A 32 -10.23 -8.65 5.95
CA LEU A 32 -9.60 -8.92 4.66
C LEU A 32 -8.90 -10.27 4.63
N VAL A 33 -8.56 -10.81 5.79
CA VAL A 33 -7.94 -12.13 5.89
C VAL A 33 -9.04 -13.18 5.95
N LYS A 34 -9.04 -14.09 5.00
CA LYS A 34 -10.04 -15.16 4.95
C LYS A 34 -9.64 -16.27 5.91
N GLU A 35 -10.61 -17.11 6.27
CA GLU A 35 -10.35 -18.26 7.13
C GLU A 35 -9.13 -19.06 6.65
N GLY A 36 -8.34 -19.54 7.60
CA GLY A 36 -7.10 -20.24 7.30
C GLY A 36 -5.91 -19.31 7.08
N GLY A 37 -6.12 -18.01 7.23
CA GLY A 37 -5.07 -17.03 7.07
C GLY A 37 -4.36 -16.80 8.38
N ILE A 38 -3.26 -16.06 8.32
CA ILE A 38 -2.49 -15.68 9.49
C ILE A 38 -2.83 -14.25 9.87
N GLY A 39 -3.29 -14.06 11.11
CA GLY A 39 -3.48 -12.75 11.68
C GLY A 39 -4.74 -12.06 11.21
N ILE A 40 -4.83 -10.77 11.50
CA ILE A 40 -6.01 -9.97 11.27
C ILE A 40 -5.59 -8.73 10.49
N VAL A 41 -6.27 -8.48 9.38
CA VAL A 41 -6.11 -7.24 8.62
C VAL A 41 -7.50 -6.74 8.26
N GLN A 42 -7.81 -5.51 8.64
CA GLN A 42 -9.16 -4.98 8.48
C GLN A 42 -9.21 -3.80 7.54
N HIS A 43 -10.26 -3.75 6.73
CA HIS A 43 -10.58 -2.61 5.88
C HIS A 43 -11.56 -1.69 6.64
N ILE A 44 -11.11 -0.51 7.00
CA ILE A 44 -11.90 0.40 7.84
C ILE A 44 -12.22 1.67 7.08
N LYS A 45 -13.50 1.99 6.95
CA LYS A 45 -13.94 3.19 6.23
C LYS A 45 -14.49 4.21 7.22
N PHE A 46 -14.07 5.47 7.04
CA PHE A 46 -14.47 6.57 7.91
C PHE A 46 -15.25 7.63 7.15
N ASP A 47 -16.22 8.24 7.82
CA ASP A 47 -17.03 9.32 7.27
C ASP A 47 -16.26 10.63 7.43
N LEU A 48 -16.08 11.36 6.34
CA LEU A 48 -15.39 12.65 6.37
C LEU A 48 -16.34 13.86 6.34
N THR A 49 -17.64 13.61 6.30
CA THR A 49 -18.61 14.72 6.22
C THR A 49 -18.54 15.55 7.51
N GLY A 50 -18.74 16.86 7.37
CA GLY A 50 -18.60 17.77 8.49
C GLY A 50 -17.22 18.42 8.57
N GLY A 51 -16.28 17.95 7.76
CA GLY A 51 -14.95 18.53 7.68
C GLY A 51 -14.51 18.68 6.24
N ASN A 52 -13.26 19.11 6.04
CA ASN A 52 -12.74 19.36 4.69
C ASN A 52 -11.50 18.55 4.34
N LEU A 53 -11.39 17.35 4.92
CA LEU A 53 -10.26 16.49 4.62
C LEU A 53 -10.39 15.97 3.19
N LYS A 54 -9.43 16.39 2.36
CA LYS A 54 -9.25 15.87 1.02
C LYS A 54 -7.86 15.27 0.93
N TYR A 55 -7.69 14.36 -0.01
CA TYR A 55 -6.45 13.62 -0.15
C TYR A 55 -6.34 13.04 -1.56
N ILE A 56 -5.15 12.57 -1.91
CA ILE A 56 -4.96 11.87 -3.16
C ILE A 56 -4.23 10.55 -2.97
N GLU A 57 -4.12 9.80 -4.05
CA GLU A 57 -3.64 8.42 -4.04
C GLU A 57 -2.16 8.38 -3.65
N GLY A 58 -1.80 7.44 -2.79
CA GLY A 58 -0.44 7.29 -2.31
C GLY A 58 -0.13 7.99 -1.00
N GLN A 59 -1.04 8.83 -0.51
CA GLN A 59 -0.81 9.53 0.75
C GLN A 59 -1.18 8.68 1.96
N SER A 60 -0.87 9.19 3.15
CA SER A 60 -1.18 8.56 4.42
C SER A 60 -1.96 9.54 5.32
N ILE A 61 -2.63 9.02 6.34
CA ILE A 61 -3.21 9.83 7.42
C ILE A 61 -2.73 9.31 8.76
N GLY A 62 -2.80 10.17 9.78
CA GLY A 62 -2.52 9.79 11.14
C GLY A 62 -3.79 9.40 11.88
N ILE A 63 -3.67 8.45 12.79
CA ILE A 63 -4.74 8.10 13.72
C ILE A 63 -4.17 8.22 15.13
N ILE A 64 -4.87 8.94 16.01
CA ILE A 64 -4.46 9.08 17.39
C ILE A 64 -5.36 8.17 18.24
N PRO A 65 -4.80 7.09 18.79
CA PRO A 65 -5.60 6.17 19.61
C PRO A 65 -5.81 6.75 20.99
N PRO A 66 -6.87 6.35 21.69
CA PRO A 66 -7.10 6.84 23.05
C PRO A 66 -6.13 6.20 24.04
N GLY A 67 -6.09 6.73 25.26
CA GLY A 67 -5.33 6.15 26.34
C GLY A 67 -3.95 6.76 26.46
N VAL A 68 -3.21 6.25 27.45
CA VAL A 68 -1.85 6.68 27.72
C VAL A 68 -0.90 5.51 27.57
N ASP A 69 0.37 5.81 27.31
CA ASP A 69 1.40 4.79 27.21
C ASP A 69 1.85 4.37 28.63
N LYS A 70 2.89 3.54 28.72
CA LYS A 70 3.32 2.99 30.00
C LYS A 70 3.91 4.05 30.95
N ASN A 71 4.29 5.20 30.41
CA ASN A 71 4.76 6.32 31.22
C ASN A 71 3.68 7.36 31.54
N GLY A 72 2.42 7.03 31.26
CA GLY A 72 1.31 7.92 31.56
C GLY A 72 1.09 9.07 30.58
N LYS A 73 1.83 9.08 29.47
CA LYS A 73 1.75 10.15 28.48
C LYS A 73 0.73 9.80 27.39
N PRO A 74 -0.02 10.79 26.90
CA PRO A 74 -0.99 10.53 25.83
C PRO A 74 -0.34 9.87 24.62
N GLU A 75 -1.05 8.92 24.02
CA GLU A 75 -0.55 8.21 22.85
C GLU A 75 -0.45 9.18 21.66
N LYS A 76 0.61 9.03 20.87
CA LYS A 76 0.82 9.87 19.70
C LYS A 76 0.23 9.18 18.48
N LEU A 77 0.17 9.90 17.37
CA LEU A 77 -0.43 9.37 16.16
C LEU A 77 0.44 8.25 15.58
N ARG A 78 -0.22 7.32 14.87
CA ARG A 78 0.45 6.37 13.99
C ARG A 78 -0.02 6.65 12.58
N LEU A 79 0.89 6.54 11.62
CA LEU A 79 0.56 6.79 10.22
C LEU A 79 0.09 5.52 9.54
N TYR A 80 -0.93 5.67 8.71
CA TYR A 80 -1.48 4.56 7.92
C TYR A 80 -1.69 5.02 6.50
N SER A 81 -1.22 4.21 5.55
CA SER A 81 -1.42 4.46 4.13
C SER A 81 -2.92 4.51 3.84
N ILE A 82 -3.33 5.48 3.03
CA ILE A 82 -4.72 5.59 2.61
C ILE A 82 -5.00 4.44 1.64
N ALA A 83 -6.08 3.71 1.89
CA ALA A 83 -6.43 2.52 1.09
C ALA A 83 -7.37 2.87 -0.05
N SER A 84 -8.01 4.04 0.04
CA SER A 84 -8.99 4.48 -0.96
C SER A 84 -8.43 5.55 -1.88
N THR A 85 -9.06 5.70 -3.05
CA THR A 85 -8.76 6.82 -3.94
C THR A 85 -9.28 8.08 -3.30
N ARG A 86 -8.97 9.22 -3.90
CA ARG A 86 -9.47 10.52 -3.45
C ARG A 86 -10.98 10.57 -3.28
N HIS A 87 -11.69 9.77 -4.06
CA HIS A 87 -13.15 9.77 -4.05
C HIS A 87 -13.77 8.86 -2.98
N GLY A 88 -12.95 8.05 -2.31
CA GLY A 88 -13.47 7.05 -1.38
C GLY A 88 -13.96 5.81 -2.11
N ASP A 89 -14.22 4.75 -1.36
CA ASP A 89 -14.61 3.46 -1.94
C ASP A 89 -15.95 3.50 -2.69
N ASP A 90 -16.82 4.43 -2.34
CA ASP A 90 -18.13 4.55 -2.97
C ASP A 90 -18.15 5.65 -4.02
N VAL A 91 -16.97 6.22 -4.30
CA VAL A 91 -16.80 7.25 -5.32
C VAL A 91 -17.77 8.41 -5.12
N ASP A 92 -17.84 8.90 -3.88
CA ASP A 92 -18.74 9.98 -3.49
C ASP A 92 -18.04 11.17 -2.81
N ASP A 93 -16.71 11.11 -2.74
CA ASP A 93 -15.89 12.14 -2.09
C ASP A 93 -16.28 12.41 -0.63
N LYS A 94 -16.83 11.38 0.04
CA LYS A 94 -17.37 11.52 1.40
C LYS A 94 -16.62 10.68 2.44
N THR A 95 -15.74 9.80 2.01
CA THR A 95 -15.07 8.88 2.95
C THR A 95 -13.59 8.67 2.67
N ILE A 96 -12.96 7.97 3.61
CA ILE A 96 -11.58 7.52 3.49
C ILE A 96 -11.47 6.13 4.11
N SER A 97 -10.58 5.30 3.57
CA SER A 97 -10.42 3.95 4.09
C SER A 97 -8.98 3.66 4.43
N LEU A 98 -8.78 2.73 5.37
CA LEU A 98 -7.48 2.23 5.76
C LEU A 98 -7.46 0.71 5.68
N CYS A 99 -6.25 0.16 5.56
CA CYS A 99 -6.01 -1.28 5.55
C CYS A 99 -5.02 -1.56 6.68
N VAL A 100 -5.52 -2.05 7.81
CA VAL A 100 -4.76 -2.12 9.06
C VAL A 100 -4.58 -3.54 9.56
N ARG A 101 -3.32 -3.96 9.69
CA ARG A 101 -2.96 -5.24 10.28
C ARG A 101 -2.80 -5.08 11.79
N GLN A 102 -3.39 -5.97 12.58
CA GLN A 102 -3.16 -5.97 14.02
C GLN A 102 -1.73 -6.43 14.28
N LEU A 103 -0.94 -5.54 14.87
CA LEU A 103 0.41 -5.89 15.27
C LEU A 103 0.35 -6.83 16.47
N GLU A 104 0.99 -7.98 16.30
CA GLU A 104 1.18 -8.93 17.39
C GLU A 104 2.56 -9.57 17.26
N TYR A 105 3.18 -9.84 18.39
CA TYR A 105 4.49 -10.49 18.44
C TYR A 105 4.75 -11.03 19.84
N LYS A 106 5.72 -11.91 19.99
CA LYS A 106 6.04 -12.47 21.31
C LYS A 106 7.37 -11.91 21.81
N HIS A 107 7.42 -11.66 23.12
CA HIS A 107 8.62 -11.20 23.81
C HIS A 107 9.47 -12.42 24.17
N PRO A 108 10.60 -12.22 24.86
CA PRO A 108 11.29 -13.33 25.55
C PRO A 108 10.53 -13.86 26.78
N GLU A 109 9.22 -14.11 26.63
CA GLU A 109 8.35 -14.63 27.69
C GLU A 109 8.24 -13.67 28.88
N SER A 110 8.01 -12.39 28.58
CA SER A 110 7.77 -11.37 29.60
C SER A 110 6.33 -11.50 30.12
N GLY A 111 5.39 -11.58 29.18
CA GLY A 111 4.00 -11.88 29.47
C GLY A 111 3.54 -13.02 28.58
N GLU A 112 3.43 -12.73 27.28
CA GLU A 112 3.16 -13.72 26.23
C GLU A 112 3.13 -12.99 24.86
N THR A 113 2.00 -13.02 24.16
CA THR A 113 1.81 -12.21 22.98
C THR A 113 1.60 -10.75 23.37
N VAL A 114 2.21 -9.84 22.62
CA VAL A 114 2.05 -8.40 22.80
C VAL A 114 1.23 -7.85 21.63
N TYR A 115 0.35 -6.89 21.91
CA TYR A 115 -0.56 -6.34 20.90
C TYR A 115 -0.33 -4.83 20.74
N GLY A 116 -0.09 -4.41 19.51
CA GLY A 116 0.11 -3.00 19.20
C GLY A 116 -1.09 -2.17 19.59
N VAL A 117 -0.83 -0.96 20.08
CA VAL A 117 -1.87 -0.11 20.66
C VAL A 117 -2.85 0.41 19.61
N CYS A 118 -2.33 1.15 18.64
CA CYS A 118 -3.19 1.78 17.63
C CYS A 118 -3.82 0.77 16.68
N SER A 119 -3.08 -0.25 16.26
CA SER A 119 -3.61 -1.25 15.33
C SER A 119 -4.67 -2.16 15.96
N THR A 120 -4.53 -2.44 17.26
CA THR A 120 -5.55 -3.23 17.97
C THR A 120 -6.83 -2.42 18.13
N TYR A 121 -6.66 -1.15 18.45
CA TYR A 121 -7.76 -0.21 18.57
C TYR A 121 -8.54 -0.13 17.26
N LEU A 122 -7.81 0.02 16.16
CA LEU A 122 -8.40 0.17 14.83
C LEU A 122 -9.08 -1.11 14.36
N THR A 123 -8.38 -2.25 14.43
CA THR A 123 -8.94 -3.51 13.93
C THR A 123 -10.18 -3.98 14.69
N HIS A 124 -10.33 -3.53 15.93
CA HIS A 124 -11.49 -3.88 16.75
C HIS A 124 -12.53 -2.76 16.88
N ILE A 125 -12.32 -1.65 16.15
CA ILE A 125 -13.20 -0.50 16.31
C ILE A 125 -14.59 -0.78 15.72
N GLU A 126 -15.62 -0.25 16.38
CA GLU A 126 -17.00 -0.51 16.01
C GLU A 126 -17.56 0.63 15.15
N PRO A 127 -18.38 0.30 14.17
CA PRO A 127 -19.13 1.32 13.43
C PRO A 127 -19.84 2.29 14.37
N GLY A 128 -19.79 3.58 14.05
CA GLY A 128 -20.39 4.62 14.88
C GLY A 128 -19.40 5.31 15.79
N SER A 129 -18.26 4.67 16.05
CA SER A 129 -17.23 5.23 16.91
C SER A 129 -16.56 6.44 16.27
N GLU A 130 -16.16 7.40 17.11
CA GLU A 130 -15.45 8.59 16.66
C GLU A 130 -13.95 8.33 16.73
N VAL A 131 -13.21 8.82 15.73
CA VAL A 131 -11.78 8.59 15.62
C VAL A 131 -11.07 9.89 15.26
N LYS A 132 -9.91 10.13 15.87
CA LYS A 132 -9.12 11.32 15.62
C LYS A 132 -8.18 11.06 14.43
N ILE A 133 -8.36 11.86 13.37
CA ILE A 133 -7.63 11.71 12.12
C ILE A 133 -6.82 12.97 11.83
N THR A 134 -5.59 12.80 11.33
CA THR A 134 -4.75 13.91 10.90
C THR A 134 -4.24 13.68 9.48
N GLY A 135 -3.76 14.74 8.85
CA GLY A 135 -3.19 14.68 7.52
C GLY A 135 -3.99 15.41 6.47
N PRO A 136 -3.90 14.98 5.21
CA PRO A 136 -3.07 13.85 4.80
C PRO A 136 -1.59 14.24 4.75
N VAL A 137 -0.71 13.28 4.57
CA VAL A 137 0.72 13.54 4.46
C VAL A 137 1.31 12.69 3.36
N GLY A 138 2.40 13.20 2.75
CA GLY A 138 3.21 12.42 1.85
C GLY A 138 3.12 12.92 0.43
N LYS A 139 4.29 13.08 -0.20
CA LYS A 139 4.39 13.48 -1.60
C LYS A 139 5.32 12.56 -2.39
N GLU A 140 5.79 11.49 -1.76
CA GLU A 140 6.79 10.61 -2.36
C GLU A 140 6.19 9.37 -3.03
N MET A 141 4.89 9.13 -2.82
CA MET A 141 4.18 7.98 -3.39
C MET A 141 3.04 8.40 -4.30
N LEU A 142 3.21 9.53 -4.98
CA LEU A 142 2.18 10.07 -5.87
C LEU A 142 2.22 9.41 -7.24
N LEU A 143 1.04 9.14 -7.78
CA LEU A 143 0.84 8.56 -9.10
C LEU A 143 0.96 9.65 -10.18
N PRO A 144 1.63 9.37 -11.29
CA PRO A 144 1.72 10.37 -12.36
C PRO A 144 0.37 10.62 -13.01
N ASP A 145 0.16 11.84 -13.49
CA ASP A 145 -1.05 12.19 -14.21
C ASP A 145 -1.06 11.55 -15.59
N ASP A 146 0.11 11.17 -16.09
CA ASP A 146 0.24 10.62 -17.43
C ASP A 146 -0.46 9.26 -17.51
N PRO A 147 -1.51 9.17 -18.34
CA PRO A 147 -2.28 7.92 -18.45
C PRO A 147 -1.57 6.84 -19.27
N GLU A 148 -0.46 7.20 -19.92
CA GLU A 148 0.35 6.24 -20.67
C GLU A 148 1.59 5.79 -19.88
N ALA A 149 1.71 6.20 -18.62
CA ALA A 149 2.82 5.75 -17.79
C ALA A 149 2.75 4.25 -17.56
N ASN A 150 3.90 3.61 -17.36
CA ASN A 150 3.94 2.25 -16.83
C ASN A 150 4.16 2.36 -15.32
N VAL A 151 3.50 1.48 -14.58
CA VAL A 151 3.55 1.52 -13.12
C VAL A 151 3.87 0.13 -12.57
N ILE A 152 5.06 -0.02 -12.00
CA ILE A 152 5.46 -1.24 -11.32
C ILE A 152 5.18 -1.06 -9.83
N MET A 153 4.53 -2.05 -9.25
CA MET A 153 4.13 -2.02 -7.84
C MET A 153 4.67 -3.27 -7.14
N LEU A 154 5.55 -3.07 -6.16
CA LEU A 154 6.14 -4.16 -5.40
C LEU A 154 5.72 -4.00 -3.94
N ALA A 155 4.85 -4.90 -3.49
CA ALA A 155 4.14 -4.77 -2.22
C ALA A 155 4.27 -6.04 -1.37
N GLY A 156 4.53 -5.87 -0.09
CA GLY A 156 4.51 -6.95 0.88
C GLY A 156 3.52 -6.61 1.99
N GLY A 157 2.58 -7.51 2.25
CA GLY A 157 1.61 -7.32 3.32
C GLY A 157 0.74 -6.11 3.08
N THR A 158 0.58 -5.26 4.10
CA THR A 158 -0.18 -4.01 3.96
C THR A 158 0.54 -2.95 3.14
N GLY A 159 1.71 -3.28 2.60
CA GLY A 159 2.32 -2.52 1.51
C GLY A 159 1.44 -2.46 0.26
N ILE A 160 0.44 -3.33 0.19
CA ILE A 160 -0.56 -3.30 -0.87
C ILE A 160 -1.38 -2.00 -0.85
N THR A 161 -1.46 -1.35 0.31
CA THR A 161 -2.44 -0.28 0.54
C THR A 161 -2.41 0.88 -0.49
N PRO A 162 -1.26 1.53 -0.70
CA PRO A 162 -1.20 2.58 -1.74
C PRO A 162 -1.45 2.01 -3.14
N MET A 163 -1.06 0.76 -3.37
CA MET A 163 -1.27 0.11 -4.66
C MET A 163 -2.76 0.00 -4.98
N ARG A 164 -3.58 -0.26 -3.96
CA ARG A 164 -5.04 -0.29 -4.13
C ARG A 164 -5.55 1.05 -4.64
N THR A 165 -5.05 2.15 -4.08
CA THR A 165 -5.48 3.48 -4.53
C THR A 165 -5.12 3.70 -6.00
N TYR A 166 -3.94 3.24 -6.43
CA TYR A 166 -3.53 3.41 -7.82
C TYR A 166 -4.40 2.56 -8.73
N LEU A 167 -4.51 1.28 -8.40
CA LEU A 167 -5.21 0.32 -9.25
C LEU A 167 -6.71 0.60 -9.34
N TRP A 168 -7.32 1.08 -8.26
CA TRP A 168 -8.74 1.43 -8.27
C TRP A 168 -8.96 2.65 -9.18
N ARG A 169 -8.09 3.65 -9.04
CA ARG A 169 -8.17 4.84 -9.89
C ARG A 169 -7.99 4.47 -11.37
N MET A 170 -7.10 3.53 -11.64
CA MET A 170 -6.79 3.14 -13.01
C MET A 170 -7.91 2.32 -13.64
N PHE A 171 -8.53 1.43 -12.87
CA PHE A 171 -9.31 0.33 -13.44
C PHE A 171 -10.76 0.14 -12.99
N LYS A 172 -11.19 0.76 -11.89
CA LYS A 172 -12.59 0.64 -11.47
C LYS A 172 -13.47 1.42 -12.43
N ASP A 173 -14.59 0.81 -12.83
CA ASP A 173 -15.53 1.46 -13.75
C ASP A 173 -15.94 2.84 -13.26
N ALA A 174 -16.34 2.93 -11.99
CA ALA A 174 -16.85 4.17 -11.42
C ALA A 174 -15.77 5.24 -11.30
N GLU A 175 -14.53 4.83 -11.11
CA GLU A 175 -13.40 5.77 -11.13
C GLU A 175 -13.21 6.35 -12.53
N ARG A 176 -13.20 5.50 -13.54
CA ARG A 176 -13.03 5.94 -14.93
C ARG A 176 -14.12 6.94 -15.34
N ALA A 177 -15.34 6.72 -14.86
CA ALA A 177 -16.45 7.62 -15.15
C ALA A 177 -16.30 8.96 -14.43
N ALA A 178 -15.65 8.93 -13.25
CA ALA A 178 -15.47 10.13 -12.43
C ALA A 178 -14.24 10.94 -12.81
N ASN A 179 -13.29 10.33 -13.52
CA ASN A 179 -12.02 10.96 -13.83
C ASN A 179 -11.82 10.99 -15.35
N PRO A 180 -12.54 11.88 -16.04
CA PRO A 180 -12.45 11.93 -17.51
C PRO A 180 -11.02 12.18 -17.98
N GLU A 181 -10.26 12.93 -17.18
CA GLU A 181 -8.87 13.27 -17.47
C GLU A 181 -7.84 12.13 -17.27
N TYR A 182 -8.23 11.02 -16.65
CA TYR A 182 -7.33 9.89 -16.39
C TYR A 182 -7.93 8.55 -16.81
N GLN A 183 -7.77 8.22 -18.08
CA GLN A 183 -8.21 6.94 -18.63
C GLN A 183 -6.94 6.15 -18.92
N PHE A 184 -6.56 5.32 -17.95
CA PHE A 184 -5.26 4.64 -17.98
C PHE A 184 -5.17 3.67 -19.14
N LYS A 185 -4.13 3.82 -19.95
CA LYS A 185 -3.87 2.92 -21.07
C LYS A 185 -2.44 2.38 -21.07
N GLY A 186 -1.71 2.57 -19.97
CA GLY A 186 -0.37 2.07 -19.83
C GLY A 186 -0.36 0.63 -19.39
N PHE A 187 0.77 0.20 -18.81
CA PHE A 187 0.91 -1.15 -18.27
C PHE A 187 1.30 -1.06 -16.81
N SER A 188 0.59 -1.80 -15.98
CA SER A 188 0.84 -1.88 -14.55
C SER A 188 1.11 -3.34 -14.17
N TRP A 189 2.04 -3.53 -13.24
CA TRP A 189 2.45 -4.86 -12.82
C TRP A 189 2.61 -4.88 -11.30
N LEU A 190 1.72 -5.60 -10.64
CA LEU A 190 1.80 -5.77 -9.19
C LEU A 190 2.44 -7.12 -8.85
N VAL A 191 3.51 -7.08 -8.06
CA VAL A 191 4.09 -8.26 -7.45
C VAL A 191 3.81 -8.14 -5.95
N PHE A 192 3.03 -9.09 -5.43
CA PHE A 192 2.42 -8.99 -4.11
C PHE A 192 2.83 -10.20 -3.28
N GLY A 193 3.52 -9.95 -2.18
CA GLY A 193 4.02 -11.00 -1.29
C GLY A 193 3.23 -11.07 0.00
N VAL A 194 2.62 -12.24 0.25
CA VAL A 194 1.88 -12.55 1.49
C VAL A 194 2.18 -14.01 1.88
N PRO A 195 1.90 -14.42 3.11
CA PRO A 195 2.20 -15.80 3.53
C PRO A 195 1.26 -16.89 2.97
N THR A 196 -0.01 -16.58 2.77
CA THR A 196 -0.98 -17.56 2.29
C THR A 196 -1.99 -16.94 1.33
N THR A 197 -2.74 -17.81 0.66
CA THR A 197 -3.79 -17.38 -0.25
C THR A 197 -4.92 -16.64 0.48
N PRO A 198 -5.39 -17.15 1.62
CA PRO A 198 -6.30 -16.38 2.48
C PRO A 198 -5.79 -14.99 2.89
N ASN A 199 -4.48 -14.80 2.93
CA ASN A 199 -3.87 -13.51 3.26
C ASN A 199 -3.69 -12.57 2.06
N ILE A 200 -4.08 -12.99 0.86
CA ILE A 200 -4.01 -12.11 -0.30
C ILE A 200 -5.09 -11.06 -0.12
N LEU A 201 -4.68 -9.89 0.34
CA LEU A 201 -5.61 -8.80 0.60
C LEU A 201 -6.19 -8.30 -0.71
N TYR A 202 -7.51 -8.17 -0.75
CA TYR A 202 -8.25 -7.73 -1.93
C TYR A 202 -8.14 -8.68 -3.14
N LYS A 203 -7.94 -9.96 -2.87
CA LYS A 203 -7.69 -10.95 -3.92
C LYS A 203 -8.73 -10.90 -5.04
N GLU A 204 -10.01 -10.89 -4.65
CA GLU A 204 -11.11 -11.01 -5.59
C GLU A 204 -11.11 -9.84 -6.57
N GLU A 205 -10.92 -8.64 -6.05
CA GLU A 205 -10.94 -7.44 -6.87
C GLU A 205 -9.69 -7.30 -7.73
N LEU A 206 -8.52 -7.66 -7.20
CA LEU A 206 -7.29 -7.66 -7.98
C LEU A 206 -7.41 -8.59 -9.18
N GLU A 207 -8.02 -9.75 -8.96
CA GLU A 207 -8.17 -10.74 -10.03
C GLU A 207 -9.27 -10.33 -11.02
N GLU A 208 -10.27 -9.60 -10.54
CA GLU A 208 -11.29 -9.03 -11.43
C GLU A 208 -10.66 -8.01 -12.38
N ILE A 209 -9.73 -7.21 -11.86
CA ILE A 209 -9.05 -6.21 -12.68
C ILE A 209 -8.20 -6.87 -13.75
N GLN A 210 -7.43 -7.90 -13.39
CA GLN A 210 -6.55 -8.59 -14.34
C GLN A 210 -7.35 -9.27 -15.44
N GLN A 211 -8.51 -9.81 -15.09
CA GLN A 211 -9.36 -10.49 -16.07
C GLN A 211 -9.98 -9.51 -17.05
N LYS A 212 -10.34 -8.31 -16.58
CA LYS A 212 -10.93 -7.28 -17.43
C LYS A 212 -9.88 -6.55 -18.28
N TYR A 213 -8.67 -6.42 -17.75
CA TYR A 213 -7.61 -5.65 -18.39
C TYR A 213 -6.32 -6.46 -18.51
N PRO A 214 -6.36 -7.58 -19.23
CA PRO A 214 -5.20 -8.48 -19.27
C PRO A 214 -3.96 -7.88 -19.96
N ASP A 215 -4.14 -6.90 -20.82
CA ASP A 215 -3.03 -6.22 -21.50
C ASP A 215 -2.49 -4.99 -20.75
N ASN A 216 -3.21 -4.54 -19.71
CA ASN A 216 -2.81 -3.35 -18.95
C ASN A 216 -2.47 -3.62 -17.48
N PHE A 217 -2.74 -4.83 -17.00
CA PHE A 217 -2.46 -5.21 -15.62
C PHE A 217 -2.01 -6.67 -15.52
N ARG A 218 -0.83 -6.87 -14.95
CA ARG A 218 -0.32 -8.19 -14.64
C ARG A 218 -0.24 -8.34 -13.13
N LEU A 219 -0.64 -9.51 -12.65
CA LEU A 219 -0.70 -9.80 -11.23
C LEU A 219 0.17 -11.03 -10.94
N THR A 220 1.16 -10.84 -10.09
CA THR A 220 2.09 -11.89 -9.69
C THR A 220 2.08 -12.00 -8.16
N TYR A 221 1.90 -13.21 -7.66
CA TYR A 221 1.91 -13.47 -6.23
C TYR A 221 3.20 -14.15 -5.81
N ALA A 222 3.63 -13.86 -4.58
CA ALA A 222 4.66 -14.62 -3.88
C ALA A 222 4.06 -15.06 -2.55
N ILE A 223 3.74 -16.34 -2.45
CA ILE A 223 3.01 -16.87 -1.30
C ILE A 223 3.94 -17.82 -0.54
N SER A 224 4.49 -17.34 0.57
CA SER A 224 5.62 -17.99 1.23
C SER A 224 5.32 -19.40 1.78
N ARG A 225 4.12 -19.61 2.30
CA ARG A 225 3.74 -20.90 2.89
C ARG A 225 3.21 -21.90 1.86
N GLU A 226 3.06 -21.49 0.60
CA GLU A 226 2.51 -22.34 -0.46
C GLU A 226 3.43 -22.53 -1.66
N GLN A 227 4.51 -21.75 -1.71
CA GLN A 227 5.41 -21.76 -2.87
C GLN A 227 6.85 -21.71 -2.41
N LYS A 228 7.73 -22.30 -3.22
CA LYS A 228 9.16 -22.28 -2.92
C LYS A 228 9.93 -21.78 -4.13
N ASN A 229 10.96 -20.99 -3.86
CA ASN A 229 11.86 -20.48 -4.89
C ASN A 229 12.74 -21.60 -5.45
N PRO A 230 13.46 -21.35 -6.54
CA PRO A 230 14.36 -22.38 -7.11
C PRO A 230 15.43 -22.94 -6.17
N GLN A 231 15.77 -22.21 -5.09
CA GLN A 231 16.76 -22.67 -4.12
C GLN A 231 16.17 -23.54 -2.99
N GLY A 232 14.85 -23.71 -2.96
CA GLY A 232 14.19 -24.52 -1.96
C GLY A 232 13.61 -23.75 -0.78
N GLY A 233 13.94 -22.46 -0.67
CA GLY A 233 13.38 -21.62 0.38
C GLY A 233 11.96 -21.20 0.07
N ARG A 234 11.27 -20.64 1.06
CA ARG A 234 9.93 -20.11 0.85
C ARG A 234 9.98 -18.94 -0.14
N MET A 235 8.90 -18.75 -0.90
CA MET A 235 8.81 -17.72 -1.92
C MET A 235 8.47 -16.36 -1.32
N TYR A 236 9.37 -15.40 -1.51
CA TYR A 236 9.14 -14.02 -1.12
C TYR A 236 9.19 -13.12 -2.34
N ILE A 237 8.74 -11.87 -2.17
CA ILE A 237 8.66 -10.93 -3.29
C ILE A 237 10.01 -10.78 -3.98
N GLN A 238 11.08 -10.81 -3.21
CA GLN A 238 12.43 -10.66 -3.74
C GLN A 238 12.73 -11.78 -4.74
N ASP A 239 12.21 -12.98 -4.47
CA ASP A 239 12.35 -14.12 -5.38
C ASP A 239 11.62 -13.92 -6.71
N ARG A 240 10.41 -13.35 -6.66
CA ARG A 240 9.67 -13.07 -7.89
C ARG A 240 10.34 -11.97 -8.71
N VAL A 241 10.96 -11.01 -8.03
CA VAL A 241 11.65 -9.93 -8.71
C VAL A 241 12.88 -10.47 -9.43
N ALA A 242 13.61 -11.37 -8.76
CA ALA A 242 14.76 -12.04 -9.37
C ALA A 242 14.33 -12.87 -10.57
N GLU A 243 13.21 -13.58 -10.42
CA GLU A 243 12.65 -14.39 -11.48
C GLU A 243 12.31 -13.56 -12.72
N HIS A 244 11.85 -12.32 -12.52
CA HIS A 244 11.45 -11.45 -13.61
C HIS A 244 12.38 -10.24 -13.75
N ALA A 245 13.63 -10.38 -13.30
CA ALA A 245 14.55 -9.25 -13.20
C ALA A 245 14.82 -8.57 -14.54
N ASP A 246 15.08 -9.37 -15.57
CA ASP A 246 15.39 -8.81 -16.89
C ASP A 246 14.20 -8.02 -17.44
N GLU A 247 13.00 -8.58 -17.32
CA GLU A 247 11.77 -7.93 -17.77
C GLU A 247 11.50 -6.62 -17.03
N LEU A 248 11.71 -6.63 -15.72
CA LEU A 248 11.45 -5.46 -14.88
C LEU A 248 12.44 -4.35 -15.23
N TRP A 249 13.69 -4.72 -15.45
CA TRP A 249 14.73 -3.78 -15.85
C TRP A 249 14.40 -3.15 -17.20
N GLN A 250 13.96 -3.98 -18.15
CA GLN A 250 13.58 -3.49 -19.48
C GLN A 250 12.47 -2.44 -19.37
N LEU A 251 11.47 -2.71 -18.53
CA LEU A 251 10.40 -1.75 -18.29
C LEU A 251 10.90 -0.48 -17.60
N ILE A 252 11.81 -0.63 -16.65
CA ILE A 252 12.34 0.50 -15.88
C ILE A 252 13.12 1.48 -16.76
N LYS A 253 13.71 1.00 -17.85
CA LYS A 253 14.48 1.84 -18.77
C LYS A 253 13.62 2.85 -19.55
N ASN A 254 12.30 2.59 -19.63
CA ASN A 254 11.37 3.52 -20.26
C ASN A 254 11.23 4.80 -19.42
N GLN A 255 11.38 5.95 -20.07
CA GLN A 255 11.31 7.25 -19.43
C GLN A 255 10.00 7.54 -18.70
N LYS A 256 8.94 6.82 -19.06
CA LYS A 256 7.62 7.02 -18.49
C LYS A 256 7.26 6.01 -17.40
N THR A 257 8.19 5.12 -17.06
CA THR A 257 7.95 4.09 -16.05
C THR A 257 8.23 4.60 -14.64
N HIS A 258 7.29 4.33 -13.74
CA HIS A 258 7.42 4.64 -12.32
C HIS A 258 7.36 3.34 -11.54
N THR A 259 8.17 3.22 -10.49
CA THR A 259 8.17 2.05 -9.63
C THR A 259 7.81 2.46 -8.21
N TYR A 260 6.98 1.64 -7.56
CA TYR A 260 6.50 1.90 -6.20
C TYR A 260 6.80 0.68 -5.33
N ILE A 261 7.45 0.92 -4.20
CA ILE A 261 7.85 -0.11 -3.25
C ILE A 261 7.22 0.22 -1.91
N CYS A 262 6.43 -0.70 -1.36
CA CYS A 262 5.80 -0.45 -0.06
C CYS A 262 5.70 -1.74 0.73
N GLY A 263 5.97 -1.64 2.02
CA GLY A 263 5.98 -2.81 2.90
C GLY A 263 7.05 -2.71 3.97
N PRO A 264 7.57 -3.86 4.42
CA PRO A 264 8.57 -3.86 5.49
C PRO A 264 9.91 -3.33 5.02
N ARG A 265 10.58 -2.54 5.86
CA ARG A 265 11.95 -2.12 5.60
C ARG A 265 12.81 -3.38 5.58
N GLY A 266 13.61 -3.52 4.53
CA GLY A 266 14.40 -4.73 4.34
C GLY A 266 14.01 -5.47 3.07
N MET A 267 12.81 -5.20 2.56
CA MET A 267 12.37 -5.76 1.29
C MET A 267 13.17 -5.18 0.12
N GLU A 268 13.72 -3.98 0.32
CA GLU A 268 14.43 -3.25 -0.73
C GLU A 268 15.75 -3.92 -1.12
N GLU A 269 16.41 -4.56 -0.15
CA GLU A 269 17.72 -5.16 -0.35
C GLU A 269 17.74 -6.21 -1.46
N GLY A 270 16.78 -7.14 -1.39
CA GLY A 270 16.70 -8.23 -2.34
C GLY A 270 16.23 -7.74 -3.70
N ILE A 271 15.39 -6.71 -3.69
CA ILE A 271 14.90 -6.11 -4.93
C ILE A 271 16.05 -5.44 -5.68
N ASP A 272 16.89 -4.70 -4.96
CA ASP A 272 18.04 -4.03 -5.58
C ASP A 272 19.06 -5.04 -6.10
N ALA A 273 19.27 -6.14 -5.39
CA ALA A 273 20.22 -7.16 -5.82
C ALA A 273 19.80 -7.76 -7.16
N ALA A 274 18.50 -8.05 -7.30
CA ALA A 274 17.96 -8.64 -8.52
C ALA A 274 18.09 -7.68 -9.70
N LEU A 275 17.70 -6.43 -9.49
CA LEU A 275 17.78 -5.42 -10.54
C LEU A 275 19.22 -5.05 -10.87
N SER A 276 20.12 -5.18 -9.90
CA SER A 276 21.54 -4.88 -10.12
C SER A 276 22.16 -5.89 -11.07
N ALA A 277 21.82 -7.17 -10.90
CA ALA A 277 22.33 -8.21 -11.79
C ALA A 277 21.80 -8.05 -13.21
N ALA A 278 20.54 -7.67 -13.34
CA ALA A 278 19.92 -7.46 -14.65
C ALA A 278 20.58 -6.30 -15.40
N ALA A 279 20.72 -5.18 -14.71
CA ALA A 279 21.28 -3.95 -15.30
C ALA A 279 22.75 -4.11 -15.65
N ALA A 280 23.47 -4.90 -14.86
CA ALA A 280 24.90 -5.13 -15.06
C ALA A 280 25.20 -5.83 -16.39
N LYS A 281 24.23 -6.59 -16.89
CA LYS A 281 24.37 -7.26 -18.19
C LYS A 281 24.48 -6.28 -19.37
N GLU A 282 23.96 -5.08 -19.19
CA GLU A 282 24.06 -4.01 -20.20
C GLU A 282 25.03 -2.91 -19.77
N GLY A 283 25.92 -3.22 -18.85
CA GLY A 283 26.95 -2.28 -18.40
C GLY A 283 26.44 -1.10 -17.61
N VAL A 284 25.34 -1.30 -16.88
CA VAL A 284 24.77 -0.26 -16.03
C VAL A 284 24.90 -0.66 -14.57
N THR A 285 25.30 0.31 -13.75
CA THR A 285 25.30 0.18 -12.30
C THR A 285 23.95 0.64 -11.78
N TRP A 286 23.15 -0.32 -11.31
CA TRP A 286 21.78 -0.05 -10.89
C TRP A 286 21.72 0.99 -9.78
N SER A 287 22.63 0.93 -8.81
CA SER A 287 22.61 1.86 -7.69
C SER A 287 22.68 3.32 -8.16
N ASP A 288 23.48 3.56 -9.20
CA ASP A 288 23.59 4.90 -9.81
C ASP A 288 22.38 5.27 -10.65
N TYR A 289 21.90 4.34 -11.47
CA TYR A 289 20.71 4.56 -12.30
C TYR A 289 19.52 4.87 -11.39
N GLN A 290 19.44 4.12 -10.29
CA GLN A 290 18.38 4.26 -9.31
C GLN A 290 18.39 5.66 -8.67
N LYS A 291 19.58 6.18 -8.37
CA LYS A 291 19.72 7.52 -7.80
C LYS A 291 19.13 8.55 -8.73
N ASP A 292 19.38 8.40 -10.03
CA ASP A 292 18.83 9.30 -11.04
C ASP A 292 17.31 9.18 -11.12
N LEU A 293 16.79 7.97 -10.98
CA LEU A 293 15.35 7.75 -11.00
C LEU A 293 14.68 8.41 -9.80
N LYS A 294 15.28 8.28 -8.62
CA LYS A 294 14.74 8.89 -7.40
C LYS A 294 14.71 10.42 -7.51
N LYS A 295 15.77 10.96 -8.10
CA LYS A 295 15.91 12.40 -8.34
C LYS A 295 14.83 12.89 -9.30
N ALA A 296 14.52 12.06 -10.30
CA ALA A 296 13.52 12.41 -11.31
C ALA A 296 12.08 12.12 -10.87
N GLY A 297 11.91 11.54 -9.68
CA GLY A 297 10.59 11.30 -9.13
C GLY A 297 9.91 10.07 -9.68
N ARG A 298 10.71 9.07 -10.08
CA ARG A 298 10.18 7.85 -10.70
C ARG A 298 10.52 6.57 -9.92
N TRP A 299 11.13 6.74 -8.75
CA TRP A 299 11.41 5.62 -7.86
C TRP A 299 10.86 5.99 -6.48
N HIS A 300 9.74 5.37 -6.12
CA HIS A 300 8.95 5.75 -4.95
C HIS A 300 9.02 4.64 -3.91
N VAL A 301 9.49 4.97 -2.71
CA VAL A 301 9.63 3.99 -1.64
C VAL A 301 8.98 4.49 -0.36
N GLU A 302 8.24 3.58 0.28
CA GLU A 302 7.58 3.86 1.55
C GLU A 302 7.60 2.57 2.34
N THR A 303 8.66 2.37 3.13
CA THR A 303 8.78 1.20 3.98
C THR A 303 9.12 1.62 5.41
N SER A 304 8.91 0.71 6.35
CA SER A 304 9.18 0.97 7.77
C SER A 304 9.34 -0.31 8.59
#